data_3QM1
#
_entry.id   3QM1
#
_cell.length_a   71.872
_cell.length_b   85.396
_cell.length_c   81.142
_cell.angle_alpha   90.00
_cell.angle_beta   90.00
_cell.angle_gamma   90.00
#
_symmetry.space_group_name_H-M   'C 2 2 21'
#
loop_
_entity.id
_entity.type
_entity.pdbx_description
1 polymer 'Cinnamoyl esterase'
2 non-polymer 'ethyl (2E)-3-(4-hydroxy-3-methoxyphenyl)prop-2-enoate'
3 non-polymer 'SODIUM ION'
4 non-polymer 'CHLORIDE ION'
5 water water
#
_entity_poly.entity_id   1
_entity_poly.type   'polypeptide(L)'
_entity_poly.pdbx_seq_one_letter_code
;MGSSHHHHHHSSGRENLYFQGMATITLERDGLQLVGTREEPFGEIYDMAIIFHGFTANRNTSLLREIANSLRDENIASVR
FDFNGHGDSDGKFENMTVLNEIEDANAILNYVKTDPHVRNIYLVGHAQGGVVASMLAGLYPDLIKKVVLLAPAATLKGDA
LEGNTQGVTYNPDHIPDRLPFKDLTLGGFYLRIAQQLPIYEVSAQFTKPVCLIHGTDDTVVSPNASKKYDQIYQNSTLHL
IEGADHCFSDSYQKNAVNLTTDFLQ
;
_entity_poly.pdbx_strand_id   A
#
# COMPACT_ATOMS: atom_id res chain seq x y z
N ASN A 16 -1.53 22.07 -10.65
CA ASN A 16 -0.72 23.28 -10.48
C ASN A 16 -1.57 24.54 -10.65
N LEU A 17 -0.97 25.70 -10.94
CA LEU A 17 -1.77 26.91 -11.09
C LEU A 17 -2.70 26.90 -12.30
N TYR A 18 -2.39 26.02 -13.26
CA TYR A 18 -3.00 26.05 -14.59
C TYR A 18 -3.83 24.82 -14.95
N PHE A 19 -3.37 23.64 -14.51
CA PHE A 19 -4.07 22.37 -14.74
C PHE A 19 -4.42 21.78 -13.39
N GLN A 20 -5.70 21.43 -13.21
CA GLN A 20 -6.10 20.54 -12.12
C GLN A 20 -6.90 19.38 -12.72
N GLY A 21 -6.76 18.17 -12.17
CA GLY A 21 -7.55 17.05 -12.60
C GLY A 21 -6.72 15.78 -12.65
N MET A 22 -7.14 14.83 -13.46
CA MET A 22 -6.45 13.54 -13.62
C MET A 22 -5.51 13.54 -14.83
N ALA A 23 -4.39 12.84 -14.73
CA ALA A 23 -3.53 12.53 -15.89
C ALA A 23 -3.02 11.11 -15.74
N THR A 24 -2.77 10.46 -16.86
CA THR A 24 -2.11 9.15 -16.85
C THR A 24 -0.60 9.30 -16.90
N ILE A 25 0.07 8.51 -16.06
CA ILE A 25 1.50 8.54 -15.93
C ILE A 25 1.99 7.11 -16.21
N THR A 26 3.10 6.97 -16.92
CA THR A 26 3.73 5.66 -17.06
CA THR A 26 3.72 5.66 -17.07
C THR A 26 5.18 5.78 -16.63
N LEU A 27 5.66 4.76 -15.92
CA LEU A 27 7.04 4.75 -15.49
C LEU A 27 7.54 3.37 -15.91
N GLU A 28 8.84 3.14 -15.77
CA GLU A 28 9.37 1.82 -16.06
C GLU A 28 10.16 1.33 -14.89
N ARG A 29 10.12 0.03 -14.66
CA ARG A 29 10.98 -0.52 -13.62
C ARG A 29 11.53 -1.81 -14.18
N ASP A 30 12.86 -1.88 -14.31
CA ASP A 30 13.50 -3.03 -14.92
C ASP A 30 12.86 -3.11 -16.28
N GLY A 31 12.34 -4.23 -16.73
CA GLY A 31 11.81 -4.06 -18.08
C GLY A 31 10.32 -3.85 -18.20
N LEU A 32 9.70 -3.39 -17.11
CA LEU A 32 8.25 -3.43 -16.96
C LEU A 32 7.72 -2.00 -16.98
N GLN A 33 6.66 -1.77 -17.74
CA GLN A 33 5.93 -0.49 -17.65
C GLN A 33 4.95 -0.54 -16.47
N LEU A 34 4.88 0.55 -15.68
CA LEU A 34 3.94 0.66 -14.58
C LEU A 34 2.99 1.80 -14.98
N VAL A 35 1.70 1.54 -14.90
CA VAL A 35 0.67 2.52 -15.30
C VAL A 35 0.01 3.11 -14.08
N GLY A 36 -0.12 4.45 -14.03
CA GLY A 36 -0.61 5.13 -12.86
C GLY A 36 -1.54 6.30 -13.21
N THR A 37 -2.27 6.77 -12.21
CA THR A 37 -3.14 7.95 -12.34
C THR A 37 -2.64 9.04 -11.39
N ARG A 38 -2.42 10.25 -11.92
CA ARG A 38 -2.03 11.37 -11.06
C ARG A 38 -3.29 12.20 -10.83
N GLU A 39 -3.55 12.62 -9.59
CA GLU A 39 -4.56 13.66 -9.34
C GLU A 39 -3.82 14.94 -9.05
N GLU A 40 -4.03 15.95 -9.88
CA GLU A 40 -3.28 17.18 -9.77
C GLU A 40 -4.19 18.24 -9.14
N PRO A 41 -3.76 18.82 -8.02
CA PRO A 41 -4.60 19.81 -7.34
C PRO A 41 -4.28 21.21 -7.82
N PHE A 42 -4.96 22.20 -7.27
CA PHE A 42 -4.59 23.59 -7.50
C PHE A 42 -3.39 24.00 -6.66
N GLY A 43 -2.53 24.87 -7.19
CA GLY A 43 -1.43 25.41 -6.41
C GLY A 43 -0.07 25.24 -7.05
N GLU A 44 0.83 26.20 -6.83
CA GLU A 44 2.19 26.08 -7.33
C GLU A 44 3.00 25.01 -6.60
N ILE A 45 2.78 24.89 -5.29
CA ILE A 45 3.52 23.95 -4.44
C ILE A 45 2.47 23.19 -3.66
N TYR A 46 2.60 21.88 -3.50
CA TYR A 46 1.60 21.14 -2.72
C TYR A 46 2.29 19.89 -2.24
N ASP A 47 1.72 19.23 -1.23
CA ASP A 47 2.20 17.92 -0.83
C ASP A 47 1.64 16.83 -1.76
N MET A 48 2.23 15.63 -1.74
CA MET A 48 1.74 14.59 -2.64
C MET A 48 1.78 13.25 -1.93
N ALA A 49 0.72 12.46 -2.11
CA ALA A 49 0.64 11.13 -1.47
C ALA A 49 0.86 10.10 -2.56
N ILE A 50 1.67 9.09 -2.28
CA ILE A 50 1.72 7.95 -3.18
C ILE A 50 0.83 6.88 -2.55
N ILE A 51 -0.11 6.34 -3.33
CA ILE A 51 -1.16 5.48 -2.80
C ILE A 51 -0.94 4.08 -3.37
N PHE A 52 -0.82 3.11 -2.49
CA PHE A 52 -0.51 1.71 -2.91
C PHE A 52 -1.65 0.73 -2.68
N HIS A 53 -2.11 0.11 -3.77
CA HIS A 53 -3.20 -0.89 -3.65
C HIS A 53 -2.73 -2.24 -3.06
N GLY A 54 -3.69 -3.11 -2.78
CA GLY A 54 -3.40 -4.40 -2.18
C GLY A 54 -3.24 -5.57 -3.16
N PHE A 55 -3.08 -6.75 -2.57
CA PHE A 55 -2.90 -8.04 -3.26
C PHE A 55 -4.13 -8.36 -4.14
N THR A 56 -3.89 -8.59 -5.43
CA THR A 56 -4.91 -8.82 -6.49
C THR A 56 -5.80 -7.62 -6.84
N ALA A 57 -5.52 -6.46 -6.25
CA ALA A 57 -6.35 -5.29 -6.44
C ALA A 57 -5.75 -4.46 -7.58
N ASN A 58 -6.09 -3.19 -7.63
CA ASN A 58 -5.59 -2.32 -8.67
C ASN A 58 -5.74 -0.89 -8.20
N ARG A 59 -5.22 0.05 -8.99
CA ARG A 59 -5.04 1.41 -8.54
C ARG A 59 -6.37 2.16 -8.44
N ASN A 60 -7.41 1.51 -8.92
CA ASN A 60 -8.72 2.16 -9.05
C ASN A 60 -9.87 1.53 -8.27
N THR A 61 -9.58 0.89 -7.15
CA THR A 61 -10.66 0.39 -6.31
C THR A 61 -11.38 1.62 -5.76
N SER A 62 -12.61 1.40 -5.29
CA SER A 62 -13.42 2.51 -4.80
C SER A 62 -12.69 3.21 -3.63
N LEU A 63 -12.12 2.40 -2.73
CA LEU A 63 -11.35 2.98 -1.62
C LEU A 63 -10.24 3.93 -2.07
N LEU A 64 -9.43 3.52 -3.02
CA LEU A 64 -8.29 4.33 -3.42
C LEU A 64 -8.70 5.55 -4.24
N ARG A 65 -9.70 5.40 -5.11
CA ARG A 65 -10.21 6.56 -5.82
C ARG A 65 -10.77 7.58 -4.84
N GLU A 66 -11.47 7.12 -3.81
CA GLU A 66 -12.11 8.10 -2.91
C GLU A 66 -11.07 8.75 -2.01
N ILE A 67 -10.03 8.02 -1.65
CA ILE A 67 -8.88 8.65 -0.98
C ILE A 67 -8.27 9.73 -1.85
N ALA A 68 -8.00 9.40 -3.14
CA ALA A 68 -7.32 10.37 -4.00
C ALA A 68 -8.21 11.59 -4.18
N ASN A 69 -9.50 11.33 -4.40
CA ASN A 69 -10.45 12.43 -4.60
C ASN A 69 -10.51 13.34 -3.37
N SER A 70 -10.59 12.75 -2.20
CA SER A 70 -10.66 13.54 -0.96
C SER A 70 -9.39 14.36 -0.71
N LEU A 71 -8.23 13.75 -0.92
CA LEU A 71 -6.97 14.50 -0.79
C LEU A 71 -6.94 15.65 -1.82
N ARG A 72 -7.38 15.38 -3.05
CA ARG A 72 -7.32 16.42 -4.11
C ARG A 72 -8.20 17.60 -3.68
N ASP A 73 -9.28 17.31 -2.97
CA ASP A 73 -10.16 18.35 -2.48
C ASP A 73 -9.55 19.24 -1.40
N GLU A 74 -8.54 18.72 -0.70
CA GLU A 74 -7.75 19.51 0.22
C GLU A 74 -6.41 19.96 -0.41
N ASN A 75 -6.36 19.99 -1.74
CA ASN A 75 -5.15 20.35 -2.49
C ASN A 75 -3.92 19.57 -2.16
N ILE A 76 -4.12 18.28 -1.92
CA ILE A 76 -3.01 17.34 -1.78
C ILE A 76 -3.01 16.46 -3.03
N ALA A 77 -1.90 16.48 -3.78
CA ALA A 77 -1.82 15.72 -5.00
C ALA A 77 -1.66 14.25 -4.66
N SER A 78 -1.93 13.37 -5.63
CA SER A 78 -1.60 11.98 -5.40
C SER A 78 -1.23 11.29 -6.68
N VAL A 79 -0.45 10.20 -6.57
CA VAL A 79 -0.31 9.25 -7.65
C VAL A 79 -0.67 7.86 -7.13
N ARG A 80 -1.24 7.04 -8.00
CA ARG A 80 -1.57 5.67 -7.66
C ARG A 80 -1.33 4.82 -8.88
N PHE A 81 -0.44 3.83 -8.71
CA PHE A 81 -0.01 2.97 -9.82
C PHE A 81 -0.47 1.56 -9.61
N ASP A 82 -0.75 0.89 -10.72
CA ASP A 82 -0.84 -0.56 -10.67
C ASP A 82 0.53 -1.20 -10.45
N PHE A 83 0.63 -2.04 -9.42
CA PHE A 83 1.87 -2.83 -9.25
C PHE A 83 2.10 -3.80 -10.39
N ASN A 84 3.34 -4.26 -10.52
CA ASN A 84 3.64 -5.32 -11.49
C ASN A 84 2.68 -6.49 -11.26
N GLY A 85 2.24 -7.15 -12.33
CA GLY A 85 1.34 -8.29 -12.15
C GLY A 85 -0.11 -7.94 -11.86
N HIS A 86 -0.45 -6.66 -11.89
CA HIS A 86 -1.79 -6.20 -11.53
C HIS A 86 -2.30 -5.15 -12.51
N GLY A 87 -3.62 -5.09 -12.66
CA GLY A 87 -4.25 -3.96 -13.34
C GLY A 87 -3.63 -3.79 -14.72
N ASP A 88 -3.24 -2.57 -15.04
CA ASP A 88 -2.77 -2.27 -16.39
C ASP A 88 -1.26 -2.37 -16.51
N SER A 89 -0.57 -2.65 -15.41
CA SER A 89 0.88 -2.69 -15.44
C SER A 89 1.38 -4.01 -16.01
N ASP A 90 2.64 -4.00 -16.44
CA ASP A 90 3.24 -5.17 -17.08
C ASP A 90 3.60 -6.23 -16.07
N GLY A 91 3.90 -7.42 -16.58
CA GLY A 91 4.38 -8.53 -15.78
C GLY A 91 3.30 -9.50 -15.39
N LYS A 92 3.65 -10.79 -15.21
CA LYS A 92 2.71 -11.82 -14.79
CA LYS A 92 2.71 -11.82 -14.80
C LYS A 92 2.44 -11.75 -13.29
N PHE A 93 1.19 -11.94 -12.91
CA PHE A 93 0.88 -12.00 -11.48
C PHE A 93 1.73 -13.04 -10.76
N GLU A 94 2.01 -14.14 -11.47
CA GLU A 94 2.77 -15.25 -10.90
C GLU A 94 4.19 -14.83 -10.52
N ASN A 95 4.67 -13.78 -11.17
CA ASN A 95 6.04 -13.30 -10.92
C ASN A 95 6.14 -12.12 -9.94
N MET A 96 5.00 -11.70 -9.40
CA MET A 96 5.02 -10.62 -8.39
C MET A 96 5.45 -11.16 -7.01
N THR A 97 6.19 -10.35 -6.24
CA THR A 97 6.44 -10.62 -4.83
C THR A 97 6.30 -9.28 -4.07
N VAL A 98 6.33 -9.31 -2.77
CA VAL A 98 6.24 -8.06 -2.03
C VAL A 98 7.54 -7.29 -2.33
N LEU A 99 8.63 -8.03 -2.50
CA LEU A 99 9.90 -7.37 -2.76
C LEU A 99 9.94 -6.60 -4.10
N ASN A 100 9.49 -7.23 -5.17
CA ASN A 100 9.45 -6.48 -6.42
C ASN A 100 8.38 -5.39 -6.47
N GLU A 101 7.35 -5.47 -5.62
CA GLU A 101 6.46 -4.32 -5.46
C GLU A 101 7.13 -3.17 -4.73
N ILE A 102 7.99 -3.48 -3.77
CA ILE A 102 8.78 -2.44 -3.14
C ILE A 102 9.70 -1.79 -4.22
N GLU A 103 10.28 -2.59 -5.11
CA GLU A 103 11.03 -2.02 -6.27
C GLU A 103 10.14 -1.13 -7.17
N ASP A 104 8.94 -1.59 -7.48
CA ASP A 104 7.96 -0.71 -8.16
C ASP A 104 7.77 0.60 -7.38
N ALA A 105 7.55 0.51 -6.06
CA ALA A 105 7.31 1.69 -5.22
C ALA A 105 8.46 2.66 -5.26
N ASN A 106 9.70 2.12 -5.29
CA ASN A 106 10.87 2.96 -5.33
C ASN A 106 10.92 3.70 -6.66
N ALA A 107 10.56 3.01 -7.74
CA ALA A 107 10.52 3.68 -9.05
C ALA A 107 9.50 4.83 -9.06
N ILE A 108 8.38 4.66 -8.37
CA ILE A 108 7.33 5.68 -8.33
C ILE A 108 7.86 6.82 -7.45
N LEU A 109 8.54 6.46 -6.38
CA LEU A 109 9.09 7.53 -5.52
C LEU A 109 10.14 8.36 -6.29
N ASN A 110 10.93 7.72 -7.16
CA ASN A 110 11.93 8.44 -7.94
C ASN A 110 11.23 9.53 -8.76
N TYR A 111 10.05 9.18 -9.26
CA TYR A 111 9.29 10.10 -10.09
C TYR A 111 8.77 11.26 -9.25
N VAL A 112 8.23 10.93 -8.09
CA VAL A 112 7.59 11.94 -7.26
C VAL A 112 8.66 12.87 -6.68
N LYS A 113 9.79 12.31 -6.31
CA LYS A 113 10.71 13.11 -5.52
C LYS A 113 11.44 14.10 -6.40
N THR A 114 11.36 13.95 -7.72
CA THR A 114 11.99 14.90 -8.61
C THR A 114 10.99 15.91 -9.23
N ASP A 115 9.73 15.85 -8.84
CA ASP A 115 8.74 16.82 -9.33
C ASP A 115 8.92 18.13 -8.60
N PRO A 116 9.14 19.22 -9.35
CA PRO A 116 9.45 20.46 -8.63
C PRO A 116 8.26 21.10 -7.90
N HIS A 117 7.04 20.60 -8.06
CA HIS A 117 5.90 21.18 -7.32
C HIS A 117 5.74 20.59 -5.91
N VAL A 118 6.35 19.44 -5.68
CA VAL A 118 6.06 18.63 -4.50
C VAL A 118 6.84 19.14 -3.31
N ARG A 119 6.13 19.36 -2.21
CA ARG A 119 6.74 19.83 -0.99
C ARG A 119 7.00 18.60 -0.13
N ASN A 120 5.98 18.09 0.58
CA ASN A 120 6.15 16.86 1.39
C ASN A 120 5.62 15.66 0.69
N ILE A 121 6.27 14.51 0.89
CA ILE A 121 5.80 13.24 0.30
C ILE A 121 5.24 12.34 1.37
N TYR A 122 4.02 11.86 1.13
CA TYR A 122 3.34 10.94 2.04
C TYR A 122 3.12 9.59 1.35
N LEU A 123 3.08 8.52 2.13
CA LEU A 123 2.75 7.21 1.57
C LEU A 123 1.45 6.74 2.20
N VAL A 124 0.55 6.19 1.40
CA VAL A 124 -0.68 5.65 1.91
C VAL A 124 -0.77 4.26 1.32
N GLY A 125 -0.90 3.22 2.15
CA GLY A 125 -0.98 1.88 1.60
C GLY A 125 -2.08 1.04 2.24
N HIS A 126 -2.84 0.35 1.41
CA HIS A 126 -3.89 -0.54 1.87
C HIS A 126 -3.41 -1.99 1.80
N ALA A 127 -3.46 -2.68 2.94
CA ALA A 127 -3.28 -4.14 2.98
C ALA A 127 -1.87 -4.55 2.53
N GLN A 128 -1.70 -5.35 1.47
CA GLN A 128 -0.31 -5.61 1.06
C GLN A 128 0.41 -4.30 0.69
N GLY A 129 -0.35 -3.36 0.15
CA GLY A 129 0.18 -2.04 -0.20
C GLY A 129 0.62 -1.29 1.05
N GLY A 130 0.05 -1.65 2.18
CA GLY A 130 0.50 -1.08 3.46
C GLY A 130 1.86 -1.63 3.89
N VAL A 131 2.13 -2.91 3.59
CA VAL A 131 3.45 -3.49 3.85
C VAL A 131 4.47 -2.83 2.91
N VAL A 132 4.11 -2.67 1.65
CA VAL A 132 5.00 -1.97 0.72
C VAL A 132 5.29 -0.57 1.25
N ALA A 133 4.24 0.16 1.66
CA ALA A 133 4.39 1.54 2.15
C ALA A 133 5.26 1.58 3.40
N SER A 134 5.03 0.67 4.34
CA SER A 134 5.71 0.77 5.62
C SER A 134 7.18 0.44 5.41
N MET A 135 7.47 -0.53 4.54
CA MET A 135 8.87 -0.90 4.27
C MET A 135 9.55 0.20 3.46
N LEU A 136 8.86 0.79 2.48
CA LEU A 136 9.53 1.85 1.74
C LEU A 136 9.86 3.04 2.65
N ALA A 137 8.94 3.40 3.53
CA ALA A 137 9.20 4.53 4.43
C ALA A 137 10.40 4.24 5.37
N GLY A 138 10.58 2.98 5.71
CA GLY A 138 11.72 2.60 6.54
C GLY A 138 13.04 2.63 5.77
N LEU A 139 12.99 2.52 4.45
CA LEU A 139 14.17 2.71 3.57
C LEU A 139 14.44 4.18 3.21
N TYR A 140 13.40 5.00 3.29
CA TYR A 140 13.50 6.44 3.04
C TYR A 140 12.94 7.29 4.19
N PRO A 141 13.44 7.09 5.41
CA PRO A 141 12.84 7.74 6.59
C PRO A 141 13.24 9.22 6.64
N ASP A 142 14.32 9.54 5.93
CA ASP A 142 14.75 10.94 5.72
C ASP A 142 13.92 11.71 4.72
N LEU A 143 13.20 11.02 3.86
CA LEU A 143 12.47 11.68 2.80
C LEU A 143 10.95 11.70 2.99
N ILE A 144 10.39 10.58 3.41
CA ILE A 144 8.93 10.48 3.59
C ILE A 144 8.50 11.27 4.81
N LYS A 145 7.36 11.96 4.75
CA LYS A 145 7.04 12.86 5.84
C LYS A 145 5.95 12.31 6.76
N LYS A 146 5.03 11.53 6.19
CA LYS A 146 3.93 10.88 6.96
C LYS A 146 3.52 9.62 6.21
N VAL A 147 3.03 8.61 6.98
CA VAL A 147 2.56 7.37 6.39
C VAL A 147 1.16 7.08 6.93
N VAL A 148 0.26 6.62 6.07
CA VAL A 148 -1.03 6.09 6.50
C VAL A 148 -1.10 4.64 6.03
N LEU A 149 -1.33 3.69 6.97
CA LEU A 149 -1.52 2.29 6.65
C LEU A 149 -2.96 1.91 6.92
N LEU A 150 -3.60 1.31 5.93
CA LEU A 150 -4.97 0.81 6.06
C LEU A 150 -4.96 -0.71 6.01
N ALA A 151 -5.32 -1.32 7.13
CA ALA A 151 -5.28 -2.79 7.27
C ALA A 151 -3.99 -3.41 6.71
N PRO A 152 -2.79 -2.90 7.11
CA PRO A 152 -1.51 -3.33 6.51
C PRO A 152 -1.34 -4.84 6.76
N ALA A 153 -1.07 -5.57 5.67
CA ALA A 153 -1.11 -7.02 5.69
C ALA A 153 0.18 -7.64 6.16
N ALA A 154 0.70 -7.21 7.31
CA ALA A 154 1.96 -7.77 7.79
C ALA A 154 1.81 -9.25 8.14
N THR A 155 0.56 -9.69 8.34
CA THR A 155 0.30 -11.09 8.63
C THR A 155 0.61 -12.00 7.42
N LEU A 156 0.80 -11.45 6.22
CA LEU A 156 1.20 -12.32 5.08
C LEU A 156 2.47 -13.13 5.41
N LYS A 157 3.34 -12.56 6.25
CA LYS A 157 4.54 -13.27 6.70
C LYS A 157 4.20 -14.47 7.57
N GLY A 158 3.47 -14.22 8.66
CA GLY A 158 3.03 -15.32 9.51
C GLY A 158 2.22 -16.39 8.79
N ASP A 159 1.36 -15.94 7.88
CA ASP A 159 0.57 -16.87 7.07
C ASP A 159 1.49 -17.76 6.25
N ALA A 160 2.55 -17.18 5.68
CA ALA A 160 3.45 -17.98 4.84
C ALA A 160 4.27 -18.97 5.67
N LEU A 161 4.60 -18.56 6.88
CA LEU A 161 5.31 -19.44 7.80
C LEU A 161 4.42 -20.59 8.28
N GLU A 162 3.12 -20.31 8.41
CA GLU A 162 2.14 -21.29 8.83
C GLU A 162 1.81 -22.27 7.70
N GLY A 163 1.94 -21.82 6.45
CA GLY A 163 1.54 -22.64 5.31
C GLY A 163 0.05 -22.53 5.05
N ASN A 164 -0.51 -21.35 5.32
CA ASN A 164 -1.91 -21.11 5.07
C ASN A 164 -2.12 -19.64 4.65
N THR A 165 -2.36 -19.45 3.35
CA THR A 165 -2.45 -18.13 2.75
C THR A 165 -3.89 -17.97 2.23
N GLN A 166 -4.70 -17.22 2.97
CA GLN A 166 -6.11 -16.98 2.60
C GLN A 166 -6.87 -18.28 2.29
N GLY A 167 -6.71 -19.25 3.18
CA GLY A 167 -7.31 -20.58 3.04
C GLY A 167 -6.65 -21.60 2.12
N VAL A 168 -5.65 -21.18 1.34
CA VAL A 168 -4.89 -22.07 0.45
C VAL A 168 -3.68 -22.57 1.21
N THR A 169 -3.60 -23.89 1.37
CA THR A 169 -2.64 -24.49 2.28
CA THR A 169 -2.62 -24.53 2.27
C THR A 169 -1.51 -25.21 1.48
N TYR A 170 -0.30 -25.24 2.04
CA TYR A 170 0.88 -25.84 1.38
C TYR A 170 1.88 -26.11 2.48
N ASN A 171 2.95 -26.82 2.15
CA ASN A 171 4.02 -27.06 3.11
C ASN A 171 4.97 -25.84 3.23
N PRO A 172 4.98 -25.14 4.38
CA PRO A 172 5.85 -23.95 4.54
C PRO A 172 7.33 -24.31 4.49
N ASP A 173 7.66 -25.58 4.77
CA ASP A 173 9.05 -26.06 4.72
C ASP A 173 9.50 -26.42 3.31
N HIS A 174 8.56 -26.52 2.41
CA HIS A 174 8.88 -26.93 1.06
C HIS A 174 7.79 -26.38 0.16
N ILE A 175 7.85 -25.06 -0.04
CA ILE A 175 6.84 -24.35 -0.77
C ILE A 175 6.89 -24.79 -2.23
N PRO A 176 5.73 -24.99 -2.87
CA PRO A 176 5.73 -25.53 -4.23
C PRO A 176 6.24 -24.49 -5.25
N ASP A 177 6.58 -24.88 -6.48
CA ASP A 177 7.03 -23.90 -7.47
C ASP A 177 5.97 -22.84 -7.68
N ARG A 178 4.71 -23.23 -7.69
CA ARG A 178 3.66 -22.25 -7.94
C ARG A 178 2.41 -22.75 -7.21
N LEU A 179 1.53 -21.83 -6.83
CA LEU A 179 0.34 -22.20 -6.04
C LEU A 179 -0.95 -21.64 -6.65
N PRO A 180 -1.81 -22.54 -7.19
CA PRO A 180 -3.09 -22.09 -7.73
C PRO A 180 -3.81 -21.44 -6.60
N PHE A 181 -4.31 -20.25 -6.88
CA PHE A 181 -4.86 -19.41 -5.88
C PHE A 181 -6.07 -18.72 -6.53
N LYS A 182 -7.27 -19.20 -6.25
CA LYS A 182 -8.47 -18.67 -6.92
C LYS A 182 -8.35 -18.79 -8.45
N ASP A 183 -8.51 -17.71 -9.21
CA ASP A 183 -8.31 -17.78 -10.68
C ASP A 183 -6.88 -17.52 -11.12
N LEU A 184 -6.00 -17.32 -10.14
CA LEU A 184 -4.63 -16.90 -10.44
C LEU A 184 -3.62 -17.97 -10.10
N THR A 185 -2.35 -17.70 -10.40
CA THR A 185 -1.26 -18.58 -9.96
C THR A 185 -0.28 -17.71 -9.17
N LEU A 186 -0.15 -18.01 -7.89
CA LEU A 186 0.75 -17.28 -6.98
C LEU A 186 2.11 -17.96 -7.09
N GLY A 187 3.18 -17.17 -7.20
CA GLY A 187 4.53 -17.72 -7.31
C GLY A 187 4.99 -18.30 -5.98
N GLY A 188 5.61 -19.47 -6.00
CA GLY A 188 6.25 -19.97 -4.79
C GLY A 188 7.28 -18.98 -4.26
N PHE A 189 7.97 -18.25 -5.13
CA PHE A 189 8.94 -17.28 -4.62
C PHE A 189 8.30 -16.12 -3.82
N TYR A 190 7.04 -15.78 -4.15
CA TYR A 190 6.33 -14.81 -3.32
C TYR A 190 6.34 -15.29 -1.89
N LEU A 191 6.04 -16.58 -1.70
CA LEU A 191 5.83 -17.14 -0.37
C LEU A 191 7.15 -17.33 0.33
N ARG A 192 8.19 -17.69 -0.41
CA ARG A 192 9.46 -17.90 0.23
C ARG A 192 10.02 -16.55 0.72
N ILE A 193 9.85 -15.52 -0.08
CA ILE A 193 10.17 -14.14 0.31
C ILE A 193 9.34 -13.70 1.51
N ALA A 194 8.03 -13.97 1.48
CA ALA A 194 7.09 -13.53 2.52
C ALA A 194 7.56 -14.03 3.88
N GLN A 195 8.01 -15.28 3.91
CA GLN A 195 8.35 -15.91 5.18
C GLN A 195 9.47 -15.17 5.93
N GLN A 196 10.39 -14.57 5.17
CA GLN A 196 11.59 -13.95 5.76
C GLN A 196 11.66 -12.45 5.53
N LEU A 197 10.54 -11.85 5.20
CA LEU A 197 10.51 -10.39 4.99
CA LEU A 197 10.49 -10.41 5.00
C LEU A 197 10.68 -9.71 6.33
N PRO A 198 11.64 -8.78 6.44
CA PRO A 198 11.86 -8.06 7.72
C PRO A 198 10.91 -6.84 7.82
N ILE A 199 9.61 -7.15 7.79
CA ILE A 199 8.59 -6.10 7.73
C ILE A 199 8.73 -5.12 8.86
N TYR A 200 8.68 -5.59 10.09
CA TYR A 200 8.73 -4.62 11.20
C TYR A 200 10.11 -4.03 11.40
N GLU A 201 11.17 -4.83 11.24
CA GLU A 201 12.52 -4.31 11.37
C GLU A 201 12.74 -3.09 10.45
N VAL A 202 12.42 -3.24 9.18
CA VAL A 202 12.63 -2.13 8.26
C VAL A 202 11.62 -1.01 8.57
N SER A 203 10.33 -1.37 8.75
CA SER A 203 9.32 -0.33 8.92
C SER A 203 9.64 0.58 10.11
N ALA A 204 10.17 -0.02 11.19
CA ALA A 204 10.32 0.69 12.46
C ALA A 204 11.34 1.79 12.34
N GLN A 205 12.10 1.82 11.24
CA GLN A 205 13.09 2.89 11.10
C GLN A 205 12.46 4.25 10.80
N PHE A 206 11.19 4.24 10.44
CA PHE A 206 10.47 5.49 10.19
C PHE A 206 9.92 6.03 11.51
N THR A 207 10.40 7.19 11.94
CA THR A 207 10.05 7.70 13.27
C THR A 207 9.14 8.93 13.19
N LYS A 208 8.79 9.31 11.97
CA LYS A 208 7.84 10.40 11.75
C LYS A 208 6.38 9.90 11.88
N PRO A 209 5.39 10.82 11.77
CA PRO A 209 4.03 10.38 12.10
C PRO A 209 3.40 9.29 11.20
N VAL A 210 2.75 8.30 11.84
CA VAL A 210 2.07 7.25 11.12
C VAL A 210 0.64 7.18 11.64
N CYS A 211 -0.31 7.01 10.72
CA CYS A 211 -1.70 6.77 11.08
C CYS A 211 -2.01 5.34 10.69
N LEU A 212 -2.51 4.53 11.64
CA LEU A 212 -2.89 3.11 11.39
C LEU A 212 -4.41 2.96 11.48
N ILE A 213 -5.05 2.40 10.45
CA ILE A 213 -6.52 2.32 10.41
C ILE A 213 -6.84 0.89 10.12
N HIS A 214 -7.65 0.26 10.97
CA HIS A 214 -7.92 -1.17 10.73
C HIS A 214 -9.32 -1.47 11.17
N GLY A 215 -10.06 -2.24 10.37
CA GLY A 215 -11.42 -2.64 10.78
C GLY A 215 -11.43 -3.80 11.78
N THR A 216 -12.31 -3.74 12.77
CA THR A 216 -12.33 -4.80 13.79
C THR A 216 -12.88 -6.11 13.24
N ASP A 217 -13.62 -6.03 12.14
CA ASP A 217 -14.20 -7.23 11.53
CA ASP A 217 -14.21 -7.21 11.50
C ASP A 217 -13.43 -7.65 10.25
N ASP A 218 -12.19 -7.23 10.13
CA ASP A 218 -11.36 -7.66 9.01
C ASP A 218 -11.06 -9.18 9.18
N THR A 219 -11.51 -9.98 8.23
CA THR A 219 -11.27 -11.44 8.26
C THR A 219 -10.10 -11.85 7.43
N VAL A 220 -9.43 -10.89 6.84
CA VAL A 220 -8.37 -11.19 5.91
C VAL A 220 -7.03 -10.97 6.63
N VAL A 221 -6.95 -9.83 7.31
CA VAL A 221 -5.74 -9.45 8.03
C VAL A 221 -6.20 -9.09 9.44
N SER A 222 -5.77 -9.87 10.43
CA SER A 222 -6.14 -9.56 11.80
C SER A 222 -5.76 -8.12 12.18
N PRO A 223 -6.62 -7.43 12.96
CA PRO A 223 -6.28 -6.11 13.50
C PRO A 223 -5.02 -6.14 14.36
N ASN A 224 -4.64 -7.33 14.86
CA ASN A 224 -3.38 -7.45 15.56
C ASN A 224 -2.19 -6.96 14.74
N ALA A 225 -2.28 -6.99 13.41
CA ALA A 225 -1.18 -6.46 12.59
C ALA A 225 -0.99 -4.99 12.94
N SER A 226 -2.09 -4.25 12.98
CA SER A 226 -1.98 -2.80 13.20
C SER A 226 -1.63 -2.51 14.66
N LYS A 227 -2.10 -3.36 15.58
CA LYS A 227 -1.74 -3.19 16.98
C LYS A 227 -0.24 -3.35 17.12
N LYS A 228 0.32 -4.30 16.36
CA LYS A 228 1.77 -4.49 16.43
C LYS A 228 2.54 -3.34 15.79
N TYR A 229 2.10 -2.82 14.65
CA TYR A 229 2.74 -1.64 14.11
C TYR A 229 2.65 -0.51 15.12
N ASP A 230 1.52 -0.36 15.76
CA ASP A 230 1.38 0.73 16.71
C ASP A 230 2.41 0.57 17.82
N GLN A 231 2.78 -0.66 18.19
CA GLN A 231 3.83 -0.86 19.21
C GLN A 231 5.22 -0.53 18.70
N ILE A 232 5.50 -0.86 17.44
CA ILE A 232 6.86 -0.74 16.95
C ILE A 232 7.18 0.70 16.56
N TYR A 233 6.17 1.44 16.11
CA TYR A 233 6.45 2.79 15.63
C TYR A 233 6.70 3.83 16.76
N GLN A 234 7.69 4.70 16.61
CA GLN A 234 7.89 5.77 17.60
C GLN A 234 6.76 6.84 17.66
N ASN A 235 6.09 7.12 16.53
CA ASN A 235 5.08 8.18 16.49
CA ASN A 235 5.11 8.20 16.45
C ASN A 235 3.87 7.74 15.67
N SER A 236 3.03 6.88 16.26
CA SER A 236 1.85 6.37 15.54
C SER A 236 0.58 6.60 16.31
N THR A 237 -0.52 6.58 15.56
CA THR A 237 -1.84 6.73 16.12
C THR A 237 -2.68 5.62 15.55
N LEU A 238 -3.33 4.87 16.42
CA LEU A 238 -4.08 3.71 15.97
C LEU A 238 -5.59 3.97 15.99
N HIS A 239 -6.25 3.65 14.88
CA HIS A 239 -7.69 3.76 14.79
C HIS A 239 -8.32 2.43 14.46
N LEU A 240 -9.01 1.83 15.44
CA LEU A 240 -9.74 0.59 15.18
C LEU A 240 -11.18 0.94 14.82
N ILE A 241 -11.63 0.56 13.62
CA ILE A 241 -12.94 0.99 13.15
C ILE A 241 -13.93 -0.11 13.44
N GLU A 242 -14.82 0.15 14.39
CA GLU A 242 -15.70 -0.88 14.92
C GLU A 242 -16.63 -1.38 13.80
N GLY A 243 -16.56 -2.68 13.51
CA GLY A 243 -17.39 -3.30 12.49
C GLY A 243 -16.92 -3.33 11.04
N ALA A 244 -15.89 -2.54 10.74
CA ALA A 244 -15.36 -2.43 9.38
C ALA A 244 -14.67 -3.72 8.90
N ASP A 245 -14.76 -4.00 7.61
CA ASP A 245 -14.14 -5.18 7.07
C ASP A 245 -12.79 -4.79 6.43
N HIS A 246 -12.25 -5.72 5.65
CA HIS A 246 -10.88 -5.58 5.16
C HIS A 246 -10.73 -4.43 4.19
N CYS A 247 -11.76 -4.20 3.38
CA CYS A 247 -11.72 -3.13 2.41
C CYS A 247 -12.42 -1.83 2.81
N PHE A 248 -12.90 -1.75 4.06
CA PHE A 248 -13.66 -0.56 4.47
C PHE A 248 -14.80 -0.35 3.49
N SER A 249 -15.52 -1.41 3.18
CA SER A 249 -16.55 -1.36 2.16
CA SER A 249 -16.55 -1.36 2.16
C SER A 249 -17.75 -0.55 2.59
N ASP A 250 -18.40 0.01 1.59
CA ASP A 250 -19.72 0.58 1.74
C ASP A 250 -19.82 1.58 2.87
N SER A 251 -20.58 1.31 3.92
CA SER A 251 -20.77 2.35 4.94
CA SER A 251 -20.80 2.29 4.98
C SER A 251 -19.54 2.57 5.83
N TYR A 252 -18.49 1.77 5.66
CA TYR A 252 -17.24 1.97 6.44
C TYR A 252 -16.23 2.83 5.71
N GLN A 253 -16.48 3.13 4.45
CA GLN A 253 -15.42 3.65 3.61
C GLN A 253 -15.01 5.04 4.04
N LYS A 254 -15.97 5.88 4.43
CA LYS A 254 -15.60 7.21 4.84
C LYS A 254 -14.77 7.25 6.12
N ASN A 255 -14.83 6.21 6.95
CA ASN A 255 -13.96 6.19 8.15
C ASN A 255 -12.50 6.21 7.65
N ALA A 256 -12.22 5.39 6.65
CA ALA A 256 -10.86 5.28 6.11
C ALA A 256 -10.48 6.55 5.37
N VAL A 257 -11.40 7.05 4.55
CA VAL A 257 -11.12 8.27 3.79
C VAL A 257 -10.94 9.50 4.69
N ASN A 258 -11.83 9.71 5.66
CA ASN A 258 -11.74 10.87 6.57
C ASN A 258 -10.45 10.87 7.40
N LEU A 259 -10.11 9.74 8.01
CA LEU A 259 -8.94 9.65 8.87
C LEU A 259 -7.68 9.91 8.04
N THR A 260 -7.62 9.30 6.87
CA THR A 260 -6.47 9.51 5.96
C THR A 260 -6.34 10.99 5.58
N THR A 261 -7.44 11.59 5.13
CA THR A 261 -7.37 12.97 4.72
C THR A 261 -6.97 13.88 5.88
N ASP A 262 -7.59 13.68 7.03
CA ASP A 262 -7.34 14.53 8.18
C ASP A 262 -5.87 14.44 8.58
N PHE A 263 -5.32 13.23 8.52
CA PHE A 263 -3.97 13.01 9.00
C PHE A 263 -2.95 13.73 8.11
N LEU A 264 -3.21 13.72 6.79
CA LEU A 264 -2.27 14.28 5.83
C LEU A 264 -2.40 15.77 5.69
N GLN A 265 -3.58 16.34 6.00
CA GLN A 265 -3.64 17.80 5.93
C GLN A 265 -2.97 18.49 7.11
#